data_7ZWO
#
_entry.id   7ZWO
#
_cell.length_a   67.190
_cell.length_b   67.190
_cell.length_c   165.735
_cell.angle_alpha   90.000
_cell.angle_beta   90.000
_cell.angle_gamma   120.000
#
_symmetry.space_group_name_H-M   'P 61 2 2'
#
loop_
_entity.id
_entity.type
_entity.pdbx_description
1 polymer 'B-cell lymphoma 6 protein'
2 polymer ALA-TRP-VAL-ILE-PRO-ALA
3 non-polymer (5~{S},7~{R})-5-(4-chlorophenyl)-7-(2,3,4-trimethoxyphenyl)-4,5,6,7-tetrahydro-[1,2,4]triazolo[1,5-a]pyrimidine
4 non-polymer 1,2-ETHANEDIOL
5 water water
#
loop_
_entity_poly.entity_id
_entity_poly.type
_entity_poly.pdbx_seq_one_letter_code
_entity_poly.pdbx_strand_id
1 'polypeptide(L)'
;GPGADSCIQFTRHASDVLLNLNRLRSRDILTDVVIVVSREQFRAHKTVLMACSGLFYSIFTDQLKCNLSVINLDPEINPE
GFCILLDFMYTSRLNLREGNIMAVMATAMYLQMEHVVDTCRKFIKASE
;
A
2 'polypeptide(L)' AWVIPA B
#
loop_
_chem_comp.id
_chem_comp.type
_chem_comp.name
_chem_comp.formula
EDO non-polymer 1,2-ETHANEDIOL 'C2 H6 O2'
KCB non-polymer (5~{S},7~{R})-5-(4-chlorophenyl)-7-(2,3,4-trimethoxyphenyl)-4,5,6,7-tetrahydro-[1,2,4]triazolo[1,5-a]pyrimidine 'C20 H21 Cl N4 O3'
#
# COMPACT_ATOMS: atom_id res chain seq x y z
N ALA A 4 -6.90 -1.18 29.20
CA ALA A 4 -7.84 -0.44 30.04
C ALA A 4 -8.94 0.17 29.21
N ASP A 5 -10.08 0.37 29.85
CA ASP A 5 -11.25 0.99 29.24
C ASP A 5 -11.24 2.49 29.53
N SER A 6 -10.25 2.97 30.26
CA SER A 6 -10.14 4.36 30.65
C SER A 6 -9.28 5.23 29.72
N CYS A 7 -8.86 4.72 28.58
CA CYS A 7 -8.00 5.49 27.70
C CYS A 7 -8.62 6.69 27.01
N ILE A 8 -7.80 7.71 26.72
CA ILE A 8 -8.16 8.84 25.85
C ILE A 8 -7.49 8.55 24.52
N GLN A 9 -7.97 9.18 23.45
CA GLN A 9 -7.45 8.90 22.11
C GLN A 9 -7.08 10.18 21.38
N PHE A 10 -5.95 10.18 20.65
CA PHE A 10 -5.56 11.36 19.85
C PHE A 10 -6.04 11.05 18.44
N THR A 11 -7.06 11.77 18.02
N THR A 11 -7.11 11.73 18.02
CA THR A 11 -7.74 11.51 16.76
CA THR A 11 -7.80 11.51 16.73
C THR A 11 -6.79 11.43 15.56
C THR A 11 -6.91 11.56 15.49
N ARG A 12 -5.88 12.40 15.48
CA ARG A 12 -4.98 12.51 14.32
C ARG A 12 -3.79 11.59 14.37
N HIS A 13 -3.62 10.80 15.42
CA HIS A 13 -2.40 9.99 15.52
C HIS A 13 -2.14 9.05 14.35
N ALA A 14 -3.13 8.25 13.94
CA ALA A 14 -2.87 7.26 12.90
C ALA A 14 -2.50 7.96 11.61
N SER A 15 -3.20 9.06 11.26
N SER A 15 -3.20 9.05 11.29
N SER A 15 -3.20 9.07 11.29
CA SER A 15 -2.88 9.78 10.03
CA SER A 15 -2.89 9.80 10.07
CA SER A 15 -2.93 9.86 10.08
C SER A 15 -1.51 10.48 10.10
C SER A 15 -1.47 10.39 10.15
C SER A 15 -1.53 10.47 10.12
N ASP A 16 -1.08 10.90 11.32
CA ASP A 16 0.26 11.50 11.49
C ASP A 16 1.32 10.41 11.35
N VAL A 17 1.07 9.21 11.91
CA VAL A 17 2.05 8.12 11.75
C VAL A 17 2.21 7.83 10.26
N LEU A 18 1.11 7.72 9.53
CA LEU A 18 1.24 7.37 8.10
C LEU A 18 1.96 8.45 7.34
N LEU A 19 1.71 9.74 7.66
CA LEU A 19 2.45 10.83 6.99
C LEU A 19 3.95 10.68 7.25
N ASN A 20 4.30 10.31 8.52
CA ASN A 20 5.71 10.21 8.84
C ASN A 20 6.33 8.97 8.20
N LEU A 21 5.56 7.85 8.07
CA LEU A 21 6.13 6.67 7.39
C LEU A 21 6.38 7.02 5.94
N ASN A 22 5.48 7.81 5.31
CA ASN A 22 5.71 8.16 3.90
C ASN A 22 6.91 9.11 3.79
N ARG A 23 7.16 9.97 4.82
CA ARG A 23 8.35 10.83 4.77
C ARG A 23 9.60 9.94 4.90
N LEU A 24 9.56 8.90 5.73
CA LEU A 24 10.72 8.00 5.78
C LEU A 24 10.93 7.37 4.41
N ARG A 25 9.85 6.91 3.75
CA ARG A 25 10.03 6.31 2.43
C ARG A 25 10.63 7.33 1.44
N SER A 26 10.13 8.59 1.43
N SER A 26 10.13 8.59 1.44
N SER A 26 10.12 8.57 1.43
CA SER A 26 10.62 9.63 0.52
CA SER A 26 10.62 9.65 0.54
CA SER A 26 10.63 9.59 0.50
C SER A 26 12.11 9.94 0.72
C SER A 26 12.12 9.89 0.71
C SER A 26 12.13 9.84 0.69
N ARG A 27 12.60 9.81 1.96
CA ARG A 27 14.01 10.05 2.32
C ARG A 27 14.83 8.77 2.31
N ASP A 28 14.20 7.63 1.97
CA ASP A 28 14.84 6.32 1.93
C ASP A 28 15.43 5.95 3.31
N ILE A 29 14.67 6.23 4.38
CA ILE A 29 15.12 5.95 5.73
C ILE A 29 14.55 4.63 6.18
N LEU A 30 15.43 3.69 6.51
CA LEU A 30 15.10 2.36 7.03
C LEU A 30 14.25 1.51 6.07
N THR A 31 14.26 1.85 4.77
CA THR A 31 13.61 0.97 3.79
C THR A 31 14.40 -0.33 3.79
N ASP A 32 13.69 -1.45 3.66
CA ASP A 32 14.32 -2.74 3.83
C ASP A 32 13.95 -3.73 2.77
N VAL A 33 13.26 -3.25 1.71
CA VAL A 33 12.98 -4.17 0.62
C VAL A 33 12.86 -3.37 -0.66
N VAL A 34 13.23 -4.02 -1.78
CA VAL A 34 13.01 -3.44 -3.10
C VAL A 34 11.99 -4.36 -3.79
N ILE A 35 10.90 -3.77 -4.31
CA ILE A 35 9.90 -4.52 -5.07
C ILE A 35 10.20 -4.24 -6.55
N VAL A 36 10.40 -5.29 -7.33
CA VAL A 36 10.73 -5.15 -8.73
C VAL A 36 9.53 -5.52 -9.58
N VAL A 37 9.13 -4.59 -10.43
CA VAL A 37 7.98 -4.78 -11.29
C VAL A 37 8.51 -4.53 -12.70
N SER A 38 8.82 -5.62 -13.39
CA SER A 38 9.39 -5.54 -14.71
C SER A 38 10.67 -4.70 -14.66
N ARG A 39 10.72 -3.62 -15.41
CA ARG A 39 11.94 -2.84 -15.38
C ARG A 39 12.05 -1.84 -14.23
N GLU A 40 11.05 -1.75 -13.37
CA GLU A 40 11.07 -0.74 -12.31
C GLU A 40 11.27 -1.26 -10.91
N GLN A 41 11.92 -0.48 -10.08
CA GLN A 41 12.20 -0.86 -8.70
C GLN A 41 11.59 0.14 -7.75
N PHE A 42 11.00 -0.34 -6.66
CA PHE A 42 10.38 0.54 -5.66
C PHE A 42 10.90 0.15 -4.30
N ARG A 43 11.45 1.11 -3.55
CA ARG A 43 11.92 0.83 -2.21
C ARG A 43 10.79 1.06 -1.22
N ALA A 44 10.68 0.19 -0.21
CA ALA A 44 9.59 0.33 0.74
C ALA A 44 9.97 -0.32 2.06
N HIS A 45 9.01 -0.29 3.01
CA HIS A 45 9.20 -0.91 4.31
C HIS A 45 8.32 -2.14 4.33
N LYS A 46 8.89 -3.31 4.65
CA LYS A 46 8.11 -4.53 4.67
C LYS A 46 6.88 -4.43 5.55
N THR A 47 6.99 -3.80 6.73
CA THR A 47 5.84 -3.76 7.62
C THR A 47 4.69 -2.99 7.03
N VAL A 48 4.97 -1.88 6.30
CA VAL A 48 3.85 -1.14 5.72
C VAL A 48 3.22 -1.98 4.63
N LEU A 49 4.05 -2.64 3.79
CA LEU A 49 3.45 -3.47 2.73
C LEU A 49 2.55 -4.55 3.34
N MET A 50 3.02 -5.23 4.40
CA MET A 50 2.26 -6.31 5.04
C MET A 50 0.98 -5.80 5.63
N ALA A 51 1.01 -4.58 6.16
CA ALA A 51 -0.16 -3.99 6.81
C ALA A 51 -1.24 -3.58 5.83
N CYS A 52 -0.91 -3.56 4.51
CA CYS A 52 -1.85 -3.07 3.49
C CYS A 52 -2.26 -4.10 2.48
N SER A 53 -1.53 -5.21 2.37
CA SER A 53 -1.74 -6.14 1.27
C SER A 53 -1.74 -7.55 1.74
N GLY A 54 -2.73 -8.33 1.30
CA GLY A 54 -2.75 -9.72 1.73
C GLY A 54 -1.62 -10.51 1.11
N LEU A 55 -1.20 -10.14 -0.14
CA LEU A 55 -0.09 -10.85 -0.76
C LEU A 55 1.21 -10.57 0.02
N PHE A 56 1.48 -9.30 0.34
CA PHE A 56 2.72 -9.02 1.09
C PHE A 56 2.67 -9.57 2.50
N TYR A 57 1.47 -9.64 3.11
CA TYR A 57 1.37 -10.26 4.43
C TYR A 57 1.81 -11.73 4.31
N SER A 58 1.34 -12.44 3.29
N SER A 58 1.33 -12.44 3.26
CA SER A 58 1.73 -13.83 3.13
CA SER A 58 1.67 -13.86 3.00
C SER A 58 3.21 -13.95 2.86
C SER A 58 3.16 -14.05 2.70
N ILE A 59 3.76 -13.12 1.96
CA ILE A 59 5.18 -13.18 1.63
C ILE A 59 6.07 -12.96 2.86
N PHE A 60 5.79 -11.88 3.61
CA PHE A 60 6.72 -11.52 4.67
C PHE A 60 6.50 -12.27 5.96
N THR A 61 5.45 -13.13 6.03
CA THR A 61 5.30 -14.03 7.17
C THR A 61 5.82 -15.42 6.81
N ASP A 62 6.27 -15.63 5.54
CA ASP A 62 6.86 -16.91 5.19
C ASP A 62 8.27 -16.95 5.79
N GLN A 63 8.65 -18.09 6.38
CA GLN A 63 9.94 -18.24 7.05
C GLN A 63 11.17 -18.07 6.17
N LEU A 64 11.06 -18.26 4.83
CA LEU A 64 12.18 -18.00 3.93
C LEU A 64 12.08 -16.63 3.30
N LYS A 65 10.88 -16.25 2.80
CA LYS A 65 10.76 -15.00 2.06
C LYS A 65 10.86 -13.77 2.95
N CYS A 66 10.58 -13.91 4.26
CA CYS A 66 10.69 -12.77 5.18
C CYS A 66 12.09 -12.15 5.18
N ASN A 67 13.11 -12.93 4.80
CA ASN A 67 14.51 -12.50 4.80
C ASN A 67 15.03 -11.95 3.47
N LEU A 68 14.20 -12.00 2.42
CA LEU A 68 14.65 -11.48 1.14
C LEU A 68 14.64 -9.96 1.12
N SER A 69 15.62 -9.37 0.42
CA SER A 69 15.76 -7.93 0.29
CA SER A 69 15.69 -7.92 0.31
C SER A 69 15.15 -7.43 -1.02
N VAL A 70 14.83 -8.38 -1.94
CA VAL A 70 14.25 -8.06 -3.24
C VAL A 70 13.10 -9.02 -3.47
N ILE A 71 11.94 -8.50 -3.90
CA ILE A 71 10.82 -9.36 -4.28
C ILE A 71 10.47 -8.99 -5.70
N ASN A 72 10.39 -10.00 -6.59
CA ASN A 72 10.03 -9.77 -7.98
C ASN A 72 8.56 -10.08 -8.20
N LEU A 73 7.77 -9.13 -8.68
CA LEU A 73 6.35 -9.40 -8.93
C LEU A 73 6.15 -10.02 -10.31
N ASP A 74 4.97 -10.58 -10.52
CA ASP A 74 4.61 -11.22 -11.79
C ASP A 74 4.83 -10.21 -12.95
N PRO A 75 5.39 -10.66 -14.09
CA PRO A 75 5.64 -9.70 -15.20
C PRO A 75 4.40 -9.10 -15.80
N GLU A 76 3.23 -9.65 -15.50
CA GLU A 76 2.00 -9.05 -16.02
C GLU A 76 1.59 -7.81 -15.23
N ILE A 77 2.21 -7.55 -14.07
CA ILE A 77 1.85 -6.39 -13.26
C ILE A 77 2.40 -5.15 -13.86
N ASN A 78 1.54 -4.13 -13.98
CA ASN A 78 1.89 -2.86 -14.55
C ASN A 78 2.63 -2.01 -13.52
N PRO A 79 3.81 -1.46 -13.84
CA PRO A 79 4.54 -0.67 -12.83
C PRO A 79 3.80 0.58 -12.37
N GLU A 80 3.09 1.28 -13.30
CA GLU A 80 2.37 2.48 -12.86
C GLU A 80 1.24 2.08 -11.89
N GLY A 81 0.56 0.97 -12.21
CA GLY A 81 -0.50 0.46 -11.33
C GLY A 81 0.08 0.15 -9.95
N PHE A 82 1.28 -0.49 -9.89
CA PHE A 82 1.89 -0.76 -8.60
C PHE A 82 2.25 0.55 -7.89
N CYS A 83 2.85 1.52 -8.64
CA CYS A 83 3.23 2.79 -8.04
C CYS A 83 2.01 3.46 -7.37
N ILE A 84 0.88 3.46 -8.08
CA ILE A 84 -0.33 4.09 -7.56
C ILE A 84 -0.79 3.41 -6.27
N LEU A 85 -0.70 2.06 -6.24
CA LEU A 85 -1.13 1.34 -5.06
C LEU A 85 -0.15 1.51 -3.91
N LEU A 86 1.17 1.60 -4.20
CA LEU A 86 2.16 1.83 -3.13
C LEU A 86 1.92 3.20 -2.53
N ASP A 87 1.62 4.21 -3.38
CA ASP A 87 1.34 5.55 -2.84
C ASP A 87 0.07 5.50 -1.98
N PHE A 88 -0.94 4.72 -2.40
CA PHE A 88 -2.15 4.59 -1.58
C PHE A 88 -1.80 3.96 -0.22
N MET A 89 -0.96 2.92 -0.23
CA MET A 89 -0.60 2.29 1.04
C MET A 89 -0.02 3.31 2.03
N TYR A 90 0.82 4.21 1.51
CA TYR A 90 1.50 5.17 2.38
C TYR A 90 0.77 6.47 2.59
N THR A 91 -0.40 6.69 1.93
CA THR A 91 -1.08 7.98 2.08
C THR A 91 -2.58 7.94 2.26
N SER A 92 -3.22 6.80 1.97
N SER A 92 -3.22 6.80 1.96
CA SER A 92 -4.69 6.63 1.96
CA SER A 92 -4.68 6.59 1.92
C SER A 92 -5.36 7.22 0.72
C SER A 92 -5.29 7.19 0.65
N ARG A 93 -4.57 7.83 -0.18
N ARG A 93 -4.44 7.79 -0.21
CA ARG A 93 -5.13 8.48 -1.38
CA ARG A 93 -4.91 8.47 -1.41
C ARG A 93 -4.77 7.67 -2.61
C ARG A 93 -4.71 7.60 -2.64
N LEU A 94 -5.80 7.38 -3.43
CA LEU A 94 -5.69 6.55 -4.63
C LEU A 94 -5.91 7.40 -5.87
N ASN A 95 -4.89 7.47 -6.74
CA ASN A 95 -5.01 8.30 -7.94
C ASN A 95 -5.66 7.48 -9.04
N LEU A 96 -7.00 7.36 -8.97
CA LEU A 96 -7.75 6.56 -9.91
C LEU A 96 -8.23 7.43 -11.07
N ARG A 97 -7.87 7.02 -12.30
CA ARG A 97 -8.21 7.79 -13.50
C ARG A 97 -8.71 6.85 -14.58
N GLU A 98 -9.45 7.36 -15.57
CA GLU A 98 -9.93 6.50 -16.64
C GLU A 98 -8.77 5.73 -17.29
N GLY A 99 -7.62 6.41 -17.44
CA GLY A 99 -6.45 5.85 -18.11
C GLY A 99 -5.72 4.78 -17.33
N ASN A 100 -5.95 4.70 -16.01
CA ASN A 100 -5.22 3.71 -15.20
C ASN A 100 -6.10 2.72 -14.45
N ILE A 101 -7.42 2.89 -14.46
CA ILE A 101 -8.27 2.06 -13.59
C ILE A 101 -8.16 0.56 -13.85
N MET A 102 -8.05 0.13 -15.12
CA MET A 102 -7.95 -1.31 -15.33
C MET A 102 -6.67 -1.85 -14.75
N ALA A 103 -5.55 -1.13 -14.94
CA ALA A 103 -4.27 -1.59 -14.37
C ALA A 103 -4.30 -1.54 -12.85
N VAL A 104 -4.92 -0.48 -12.28
CA VAL A 104 -4.99 -0.39 -10.81
C VAL A 104 -5.81 -1.55 -10.27
N MET A 105 -6.97 -1.83 -10.90
CA MET A 105 -7.80 -2.93 -10.39
C MET A 105 -7.06 -4.28 -10.50
N ALA A 106 -6.40 -4.54 -11.61
CA ALA A 106 -5.71 -5.82 -11.76
C ALA A 106 -4.60 -5.93 -10.72
N THR A 107 -3.90 -4.81 -10.45
CA THR A 107 -2.81 -4.85 -9.48
C THR A 107 -3.38 -5.06 -8.08
N ALA A 108 -4.52 -4.40 -7.77
CA ALA A 108 -5.12 -4.55 -6.45
C ALA A 108 -5.62 -5.99 -6.23
N MET A 109 -6.14 -6.65 -7.30
N MET A 109 -6.09 -6.64 -7.31
CA MET A 109 -6.56 -8.05 -7.15
CA MET A 109 -6.53 -8.02 -7.23
C MET A 109 -5.34 -8.91 -6.81
C MET A 109 -5.35 -8.95 -6.89
N TYR A 110 -4.22 -8.69 -7.53
CA TYR A 110 -3.00 -9.47 -7.31
C TYR A 110 -2.45 -9.21 -5.90
N LEU A 111 -2.45 -7.95 -5.46
CA LEU A 111 -1.93 -7.64 -4.13
C LEU A 111 -2.93 -7.97 -3.01
N GLN A 112 -4.17 -8.40 -3.35
CA GLN A 112 -5.19 -8.76 -2.36
C GLN A 112 -5.54 -7.54 -1.51
N MET A 113 -5.99 -6.50 -2.22
CA MET A 113 -6.41 -5.23 -1.60
C MET A 113 -7.87 -5.02 -1.99
N GLU A 114 -8.78 -5.73 -1.30
CA GLU A 114 -10.21 -5.78 -1.61
C GLU A 114 -10.94 -4.45 -1.62
N HIS A 115 -10.60 -3.51 -0.72
CA HIS A 115 -11.27 -2.19 -0.72
C HIS A 115 -10.97 -1.42 -2.01
N VAL A 116 -9.72 -1.52 -2.52
CA VAL A 116 -9.39 -0.86 -3.79
C VAL A 116 -10.12 -1.55 -4.92
N VAL A 117 -10.11 -2.91 -4.92
CA VAL A 117 -10.83 -3.63 -5.98
C VAL A 117 -12.29 -3.18 -6.01
N ASP A 118 -12.90 -3.08 -4.83
CA ASP A 118 -14.32 -2.70 -4.72
C ASP A 118 -14.62 -1.34 -5.33
N THR A 119 -13.79 -0.29 -5.04
N THR A 119 -13.78 -0.34 -5.09
CA THR A 119 -14.04 1.06 -5.61
CA THR A 119 -13.98 1.01 -5.63
C THR A 119 -13.78 1.06 -7.12
C THR A 119 -13.77 1.04 -7.12
N CYS A 120 -12.79 0.26 -7.61
CA CYS A 120 -12.53 0.18 -9.05
C CYS A 120 -13.76 -0.39 -9.73
N ARG A 121 -14.31 -1.48 -9.18
CA ARG A 121 -15.50 -2.10 -9.76
C ARG A 121 -16.66 -1.13 -9.80
N LYS A 122 -16.82 -0.31 -8.73
CA LYS A 122 -17.93 0.67 -8.70
C LYS A 122 -17.76 1.75 -9.77
N PHE A 123 -16.51 2.24 -9.95
CA PHE A 123 -16.27 3.30 -10.93
C PHE A 123 -16.44 2.75 -12.35
N ILE A 124 -15.99 1.50 -12.61
CA ILE A 124 -16.17 0.89 -13.93
C ILE A 124 -17.66 0.70 -14.23
N LYS A 125 -18.42 0.17 -13.25
CA LYS A 125 -19.87 -0.08 -13.41
C LYS A 125 -20.64 1.21 -13.72
N ALA A 126 -20.23 2.34 -13.12
CA ALA A 126 -20.89 3.64 -13.32
C ALA A 126 -20.71 4.17 -14.75
N SER A 127 -19.62 3.79 -15.42
CA SER A 127 -19.33 4.24 -16.80
C SER A 127 -19.91 3.31 -17.88
N GLU A 128 -20.53 2.18 -17.47
CA GLU A 128 -21.15 1.24 -18.42
C GLU A 128 -22.68 1.27 -18.36
CA ALA B 1 -7.23 16.80 19.57
C ALA B 1 -7.42 15.44 20.24
N TRP B 2 -7.70 15.45 21.53
CA TRP B 2 -7.90 14.25 22.31
C TRP B 2 -9.38 14.06 22.54
N VAL B 3 -9.83 12.81 22.53
CA VAL B 3 -11.25 12.47 22.74
C VAL B 3 -11.43 11.23 23.62
N ILE B 4 -12.70 11.00 24.02
CA ILE B 4 -13.06 9.74 24.67
C ILE B 4 -13.41 8.79 23.52
N PRO B 5 -12.64 7.73 23.28
CA PRO B 5 -12.93 6.88 22.11
C PRO B 5 -14.18 6.05 22.26
N ALA B 6 -14.82 5.69 21.12
C KCB C . -1.95 -7.63 8.35
N KCB C . -2.62 -8.51 9.08
O KCB C . -6.96 -12.40 10.70
CL KCB C . -6.24 -5.14 2.20
C16 KCB C . -5.30 -6.06 3.34
C15 KCB C . -4.59 -5.41 4.31
C14 KCB C . -3.92 -6.14 5.26
C17 KCB C . -5.33 -7.43 3.30
C18 KCB C . -4.65 -8.16 4.26
C13 KCB C . -3.94 -7.52 5.26
C12 KCB C . -3.25 -8.29 6.36
N1 KCB C . -2.24 -7.45 7.01
N3 KCB C . -1.02 -7.03 9.07
C19 KCB C . -1.18 -7.62 10.27
N2 KCB C . -2.13 -8.52 10.36
C11 KCB C . -4.30 -8.77 7.35
C1 KCB C . -3.69 -9.39 8.61
C2 KCB C . -4.77 -9.64 9.64
C8 KCB C . -5.26 -8.63 10.46
C7 KCB C . -6.28 -8.86 11.36
C6 KCB C . -6.84 -10.13 11.46
O1 KCB C . -7.85 -10.46 12.32
C9 KCB C . -8.35 -9.43 13.16
C4 KCB C . -6.38 -11.15 10.63
C5 KCB C . -8.06 -12.57 9.82
C3 KCB C . -5.35 -10.90 9.74
O2 KCB C . -4.89 -11.91 8.91
C10 KCB C . -4.09 -12.90 9.54
C1 EDO D . 10.84 -14.83 -6.39
O1 EDO D . 12.10 -15.17 -5.85
C2 EDO D . 10.31 -13.64 -5.59
O2 EDO D . 11.26 -12.59 -5.70
C1 EDO E . -9.21 12.41 -16.04
O1 EDO E . -10.48 12.77 -16.57
C2 EDO E . -9.10 10.87 -15.84
O2 EDO E . -10.20 10.23 -15.13
C1 EDO F . 19.30 8.19 4.65
O1 EDO F . 18.50 8.17 3.47
C2 EDO F . 19.11 6.86 5.38
O2 EDO F . 19.16 5.76 4.49
C1 EDO G . -1.12 -12.20 -11.86
O1 EDO G . -1.54 -11.07 -12.61
C2 EDO G . -2.34 -12.83 -11.14
O2 EDO G . -1.91 -13.62 -10.04
C1 EDO H . -13.40 2.19 -17.35
O1 EDO H . -14.12 3.37 -17.64
C2 EDO H . -12.57 1.76 -18.59
O2 EDO H . -11.68 2.82 -18.94
#